data_3TE7
#
_entry.id   3TE7
#
_cell.length_a   56.910
_cell.length_b   84.030
_cell.length_c   106.550
_cell.angle_alpha   90.000
_cell.angle_beta   90.000
_cell.angle_gamma   90.000
#
_symmetry.space_group_name_H-M   'P 21 21 21'
#
loop_
_entity.id
_entity.type
_entity.pdbx_description
1 polymer 'Ribosyldihydronicotinamide dehydrogenase [quinone]'
2 non-polymer 'ZINC ION'
3 non-polymer 'FLAVIN-ADENINE DINUCLEOTIDE'
4 non-polymer 5-{[2-(dimethylamino)ethyl]amino}-8-methoxy-6H-imidazo[4,5,1-de]acridin-6-one
5 non-polymer IMIDAZOLE
6 water water
#
_entity_poly.entity_id   1
_entity_poly.type   'polypeptide(L)'
_entity_poly.pdbx_seq_one_letter_code
;GKKVLIVYAHQEPKSFNGSLKNVAVDELSRQGCTVTVSDLYAMNFEPRATDKDITGTLSNPEVFNYGVETHEAYKQRSLA
SDITDEQKKVREADLVIFQFPLYWFSVPAILKGWMDRVLCQGFAFDIPGFYDSGLLQGKLALLSVTTGGTAEMYTKTGVN
GDSRYFLWPLQHGTLHFCGFKVLAPQISFAPEIASEEERKGMVAAWSQRLQTIWKEEPIPCTAHWHFG
;
_entity_poly.pdbx_strand_id   A,B
#
loop_
_chem_comp.id
_chem_comp.type
_chem_comp.name
_chem_comp.formula
FAD non-polymer 'FLAVIN-ADENINE DINUCLEOTIDE' 'C27 H33 N9 O15 P2'
IMD non-polymer IMIDAZOLE 'C3 H5 N2 1'
TE7 non-polymer 5-{[2-(dimethylamino)ethyl]amino}-8-methoxy-6H-imidazo[4,5,1-de]acridin-6-one 'C19 H20 N4 O2'
ZN non-polymer 'ZINC ION' 'Zn 2'
#
# COMPACT_ATOMS: atom_id res chain seq x y z
N GLY A 1 -26.46 7.26 19.96
CA GLY A 1 -26.14 5.86 19.74
C GLY A 1 -25.23 5.63 18.55
N LYS A 2 -23.92 5.68 18.79
CA LYS A 2 -22.93 5.64 17.72
C LYS A 2 -22.48 4.21 17.42
N LYS A 3 -22.18 3.95 16.15
CA LYS A 3 -21.64 2.66 15.73
C LYS A 3 -20.21 2.84 15.22
N VAL A 4 -19.33 1.93 15.64
CA VAL A 4 -17.92 2.02 15.27
C VAL A 4 -17.46 0.70 14.67
N LEU A 5 -16.73 0.78 13.57
CA LEU A 5 -16.03 -0.37 13.01
C LEU A 5 -14.55 -0.14 13.18
N ILE A 6 -13.87 -1.14 13.73
CA ILE A 6 -12.42 -1.11 13.80
C ILE A 6 -11.88 -2.13 12.80
N VAL A 7 -11.13 -1.68 11.79
CA VAL A 7 -10.46 -2.60 10.87
C VAL A 7 -9.02 -2.77 11.37
N TYR A 8 -8.70 -4.00 11.79
CA TYR A 8 -7.51 -4.28 12.56
C TYR A 8 -6.59 -5.21 11.80
N ALA A 9 -5.32 -4.83 11.69
CA ALA A 9 -4.35 -5.61 10.90
C ALA A 9 -3.05 -5.91 11.65
N HIS A 10 -3.11 -6.89 12.55
CA HIS A 10 -1.90 -7.38 13.21
C HIS A 10 -2.05 -8.86 13.52
N GLN A 11 -0.93 -9.59 13.41
CA GLN A 11 -0.93 -11.03 13.55
C GLN A 11 -1.05 -11.51 14.99
N GLU A 12 -0.67 -10.66 15.93
CA GLU A 12 -0.43 -11.08 17.31
C GLU A 12 -1.31 -10.34 18.32
N PRO A 13 -2.22 -11.07 18.99
CA PRO A 13 -3.14 -10.47 19.96
C PRO A 13 -2.40 -9.72 21.08
N LYS A 14 -1.23 -10.20 21.47
CA LYS A 14 -0.47 -9.59 22.57
C LYS A 14 0.40 -8.41 22.15
N SER A 15 0.32 -8.04 20.87
CA SER A 15 1.15 -6.96 20.33
C SER A 15 0.70 -5.62 20.88
N PHE A 16 1.51 -4.59 20.68
CA PHE A 16 1.12 -3.22 20.97
C PHE A 16 -0.15 -2.84 20.18
N ASN A 17 -0.23 -3.25 18.91
CA ASN A 17 -1.44 -2.99 18.11
C ASN A 17 -2.65 -3.68 18.73
N GLY A 18 -2.45 -4.92 19.18
CA GLY A 18 -3.53 -5.66 19.83
C GLY A 18 -4.03 -4.91 21.06
N SER A 19 -3.11 -4.36 21.84
CA SER A 19 -3.48 -3.58 23.02
C SER A 19 -4.22 -2.29 22.68
N LEU A 20 -3.84 -1.64 21.58
CA LEU A 20 -4.55 -0.42 21.17
C LEU A 20 -5.95 -0.78 20.68
N LYS A 21 -6.07 -1.89 19.96
CA LYS A 21 -7.38 -2.33 19.49
C LYS A 21 -8.30 -2.64 20.69
N ASN A 22 -7.75 -3.37 21.65
CA ASN A 22 -8.52 -3.74 22.82
C ASN A 22 -8.96 -2.55 23.67
N VAL A 23 -8.08 -1.57 23.86
CA VAL A 23 -8.50 -0.42 24.67
C VAL A 23 -9.58 0.37 23.94
N ALA A 24 -9.52 0.41 22.61
CA ALA A 24 -10.59 1.05 21.83
C ALA A 24 -11.92 0.34 22.02
N VAL A 25 -11.91 -0.99 21.94
CA VAL A 25 -13.11 -1.79 22.15
C VAL A 25 -13.65 -1.55 23.57
N ASP A 26 -12.77 -1.65 24.56
CA ASP A 26 -13.16 -1.45 25.97
C ASP A 26 -13.78 -0.08 26.21
N GLU A 27 -13.13 0.97 25.72
CA GLU A 27 -13.58 2.33 25.98
C GLU A 27 -14.86 2.70 25.21
N LEU A 28 -14.91 2.35 23.92
CA LEU A 28 -16.12 2.62 23.16
C LEU A 28 -17.29 1.78 23.66
N SER A 29 -17.01 0.54 24.06
CA SER A 29 -18.06 -0.30 24.65
C SER A 29 -18.55 0.30 25.97
N ARG A 30 -17.62 0.81 26.79
CA ARG A 30 -17.97 1.44 28.06
C ARG A 30 -18.90 2.62 27.84
N GLN A 31 -18.64 3.37 26.77
CA GLN A 31 -19.47 4.53 26.46
C GLN A 31 -20.87 4.15 26.02
N GLY A 32 -21.07 2.89 25.64
CA GLY A 32 -22.36 2.43 25.16
C GLY A 32 -22.46 2.41 23.64
N CYS A 33 -21.33 2.61 22.96
CA CYS A 33 -21.29 2.53 21.50
C CYS A 33 -21.48 1.09 21.04
N THR A 34 -21.96 0.95 19.81
CA THR A 34 -22.04 -0.35 19.15
C THR A 34 -20.69 -0.56 18.45
N VAL A 35 -20.03 -1.68 18.71
CA VAL A 35 -18.65 -1.85 18.24
C VAL A 35 -18.47 -3.17 17.49
N THR A 36 -17.84 -3.09 16.32
CA THR A 36 -17.55 -4.27 15.50
C THR A 36 -16.08 -4.21 15.11
N VAL A 37 -15.40 -5.35 15.11
CA VAL A 37 -14.00 -5.42 14.72
C VAL A 37 -13.81 -6.40 13.57
N SER A 38 -13.15 -5.96 12.50
CA SER A 38 -12.73 -6.86 11.44
C SER A 38 -11.26 -7.18 11.65
N ASP A 39 -10.98 -8.36 12.21
CA ASP A 39 -9.61 -8.80 12.51
C ASP A 39 -9.08 -9.49 11.26
N LEU A 40 -8.46 -8.73 10.36
CA LEU A 40 -8.18 -9.25 9.03
C LEU A 40 -7.35 -10.54 9.00
N TYR A 41 -6.29 -10.62 9.80
CA TYR A 41 -5.48 -11.85 9.77
C TYR A 41 -6.27 -13.05 10.28
N ALA A 42 -7.06 -12.84 11.33
CA ALA A 42 -7.81 -13.94 11.91
C ALA A 42 -8.90 -14.40 10.97
N MET A 43 -9.41 -13.46 10.16
CA MET A 43 -10.39 -13.77 9.11
C MET A 43 -9.74 -14.38 7.85
N ASN A 44 -8.41 -14.45 7.83
CA ASN A 44 -7.67 -14.81 6.62
C ASN A 44 -8.20 -14.02 5.42
N PHE A 45 -8.39 -12.72 5.62
CA PHE A 45 -9.01 -11.87 4.62
C PHE A 45 -8.23 -11.91 3.31
N GLU A 46 -8.96 -12.06 2.20
CA GLU A 46 -8.34 -12.17 0.88
C GLU A 46 -7.93 -10.79 0.37
N PRO A 47 -6.62 -10.56 0.11
CA PRO A 47 -6.19 -9.23 -0.32
C PRO A 47 -6.18 -9.03 -1.84
N ARG A 48 -6.15 -10.12 -2.60
CA ARG A 48 -5.94 -10.02 -4.05
C ARG A 48 -7.21 -9.62 -4.79
N ALA A 49 -7.09 -8.66 -5.68
CA ALA A 49 -8.21 -8.26 -6.52
C ALA A 49 -8.25 -9.18 -7.74
N THR A 50 -9.17 -10.15 -7.77
CA THR A 50 -9.23 -11.09 -8.88
C THR A 50 -10.64 -11.29 -9.38
N ASP A 51 -10.76 -12.00 -10.51
CA ASP A 51 -12.07 -12.29 -11.08
C ASP A 51 -12.94 -13.19 -10.19
N LYS A 52 -12.35 -13.76 -9.15
CA LYS A 52 -13.12 -14.52 -8.17
C LYS A 52 -14.07 -13.63 -7.35
N ASP A 53 -13.84 -12.32 -7.39
CA ASP A 53 -14.62 -11.38 -6.59
C ASP A 53 -15.99 -11.14 -7.23
N ILE A 54 -16.15 -11.63 -8.46
CA ILE A 54 -17.45 -11.56 -9.14
C ILE A 54 -18.01 -12.97 -9.29
N THR A 55 -19.23 -13.20 -8.83
CA THR A 55 -19.75 -14.57 -8.73
C THR A 55 -20.66 -15.00 -9.87
N GLY A 56 -20.90 -14.11 -10.82
CA GLY A 56 -21.74 -14.45 -11.96
C GLY A 56 -21.11 -14.07 -13.29
N THR A 57 -21.94 -13.96 -14.32
CA THR A 57 -21.46 -13.66 -15.67
C THR A 57 -20.64 -12.36 -15.70
N LEU A 58 -19.47 -12.39 -16.33
CA LEU A 58 -18.65 -11.18 -16.50
C LEU A 58 -19.18 -10.38 -17.68
N SER A 59 -19.12 -9.05 -17.60
CA SER A 59 -19.64 -8.24 -18.70
C SER A 59 -18.69 -8.25 -19.92
N ASN A 60 -17.42 -8.57 -19.69
CA ASN A 60 -16.47 -8.84 -20.77
C ASN A 60 -15.52 -9.96 -20.39
N PRO A 61 -15.93 -11.22 -20.65
CA PRO A 61 -15.13 -12.38 -20.27
C PRO A 61 -13.83 -12.52 -21.08
N GLU A 62 -13.69 -11.77 -22.17
CA GLU A 62 -12.51 -11.86 -23.03
C GLU A 62 -11.33 -11.06 -22.48
N VAL A 63 -11.64 -9.91 -21.89
CA VAL A 63 -10.64 -9.02 -21.32
C VAL A 63 -11.11 -8.56 -19.96
N PHE A 64 -10.47 -9.06 -18.91
CA PHE A 64 -10.92 -8.79 -17.55
C PHE A 64 -10.42 -7.45 -17.04
N ASN A 65 -11.37 -6.61 -16.65
CA ASN A 65 -11.10 -5.28 -16.11
C ASN A 65 -11.71 -5.22 -14.72
N TYR A 66 -10.87 -5.30 -13.69
CA TYR A 66 -11.36 -5.38 -12.32
C TYR A 66 -12.31 -4.25 -11.91
N GLY A 67 -11.96 -3.02 -12.29
CA GLY A 67 -12.79 -1.89 -11.91
C GLY A 67 -14.17 -1.96 -12.55
N VAL A 68 -14.20 -2.22 -13.85
CA VAL A 68 -15.49 -2.31 -14.55
C VAL A 68 -16.34 -3.46 -13.99
N GLU A 69 -15.72 -4.62 -13.83
CA GLU A 69 -16.49 -5.80 -13.40
C GLU A 69 -17.00 -5.70 -11.95
N THR A 70 -16.22 -5.09 -11.05
CA THR A 70 -16.70 -4.99 -9.67
C THR A 70 -17.79 -3.94 -9.56
N HIS A 71 -17.70 -2.88 -10.37
CA HIS A 71 -18.71 -1.85 -10.35
C HIS A 71 -20.04 -2.45 -10.77
N GLU A 72 -20.02 -3.19 -11.88
CA GLU A 72 -21.23 -3.85 -12.39
C GLU A 72 -21.74 -4.88 -11.40
N ALA A 73 -20.82 -5.65 -10.80
CA ALA A 73 -21.22 -6.67 -9.83
C ALA A 73 -21.85 -6.08 -8.58
N TYR A 74 -21.36 -4.92 -8.13
CA TYR A 74 -21.97 -4.26 -6.99
C TYR A 74 -23.43 -3.92 -7.30
N LYS A 75 -23.66 -3.37 -8.48
CA LYS A 75 -25.01 -2.96 -8.87
C LYS A 75 -25.95 -4.16 -9.03
N GLN A 76 -25.40 -5.29 -9.50
CA GLN A 76 -26.20 -6.49 -9.74
C GLN A 76 -26.29 -7.36 -8.49
N ARG A 77 -25.54 -6.99 -7.47
CA ARG A 77 -25.42 -7.78 -6.24
C ARG A 77 -24.84 -9.17 -6.50
N SER A 78 -23.74 -9.19 -7.24
CA SER A 78 -23.04 -10.45 -7.49
C SER A 78 -21.58 -10.35 -7.12
N LEU A 79 -21.26 -9.52 -6.13
CA LEU A 79 -19.92 -9.50 -5.56
C LEU A 79 -19.77 -10.67 -4.59
N ALA A 80 -18.53 -11.08 -4.36
CA ALA A 80 -18.25 -12.13 -3.38
C ALA A 80 -18.73 -11.70 -2.00
N SER A 81 -19.25 -12.65 -1.23
CA SER A 81 -19.86 -12.30 0.05
C SER A 81 -18.87 -11.71 1.07
N ASP A 82 -17.57 -12.05 0.98
CA ASP A 82 -16.63 -11.46 1.94
C ASP A 82 -16.55 -9.94 1.79
N ILE A 83 -16.71 -9.48 0.56
CA ILE A 83 -16.71 -8.05 0.27
C ILE A 83 -17.99 -7.40 0.79
N THR A 84 -19.13 -7.96 0.44
CA THR A 84 -20.39 -7.35 0.87
C THR A 84 -20.55 -7.40 2.40
N ASP A 85 -19.99 -8.42 3.06
CA ASP A 85 -19.98 -8.46 4.52
C ASP A 85 -19.26 -7.21 5.08
N GLU A 86 -18.13 -6.84 4.49
CA GLU A 86 -17.40 -5.65 4.96
C GLU A 86 -18.16 -4.36 4.62
N GLN A 87 -18.77 -4.33 3.45
CA GLN A 87 -19.52 -3.15 3.05
C GLN A 87 -20.69 -2.90 4.01
N LYS A 88 -21.31 -3.96 4.51
CA LYS A 88 -22.41 -3.80 5.47
C LYS A 88 -21.90 -3.15 6.75
N LYS A 89 -20.74 -3.62 7.23
CA LYS A 89 -20.13 -3.03 8.41
C LYS A 89 -19.82 -1.54 8.22
N VAL A 90 -19.28 -1.18 7.05
CA VAL A 90 -18.91 0.21 6.78
C VAL A 90 -20.19 1.07 6.67
N ARG A 91 -21.18 0.55 5.97
CA ARG A 91 -22.43 1.26 5.73
C ARG A 91 -23.11 1.63 7.05
N GLU A 92 -23.04 0.71 8.02
CA GLU A 92 -23.68 0.93 9.30
C GLU A 92 -22.89 1.81 10.26
N ALA A 93 -21.59 1.92 10.04
CA ALA A 93 -20.72 2.60 10.97
C ALA A 93 -20.76 4.12 10.85
N ASP A 94 -20.67 4.79 11.99
CA ASP A 94 -20.53 6.25 12.01
C ASP A 94 -19.07 6.63 11.96
N LEU A 95 -18.22 5.75 12.49
CA LEU A 95 -16.78 5.98 12.58
C LEU A 95 -16.06 4.70 12.23
N VAL A 96 -15.06 4.79 11.38
CA VAL A 96 -14.22 3.64 11.07
C VAL A 96 -12.81 3.95 11.53
N ILE A 97 -12.29 3.12 12.43
CA ILE A 97 -10.91 3.27 12.91
C ILE A 97 -10.08 2.19 12.25
N PHE A 98 -8.91 2.56 11.74
CA PHE A 98 -7.99 1.57 11.18
C PHE A 98 -6.82 1.45 12.15
N GLN A 99 -6.57 0.23 12.62
CA GLN A 99 -5.50 0.00 13.58
C GLN A 99 -4.46 -0.90 12.94
N PHE A 100 -3.25 -0.38 12.76
CA PHE A 100 -2.22 -1.14 12.05
C PHE A 100 -0.81 -0.64 12.32
N PRO A 101 0.17 -1.53 12.19
CA PRO A 101 1.58 -1.11 12.15
C PRO A 101 1.93 -0.60 10.75
N LEU A 102 2.72 0.46 10.68
CA LEU A 102 3.15 1.01 9.41
C LEU A 102 4.05 0.00 8.72
N TYR A 103 3.72 -0.35 7.48
CA TYR A 103 4.55 -1.22 6.67
C TYR A 103 4.94 -0.45 5.41
N TRP A 104 6.23 -0.18 5.24
CA TRP A 104 6.71 0.52 4.04
C TRP A 104 5.92 1.79 3.78
N PHE A 105 5.90 2.65 4.81
CA PHE A 105 5.26 3.96 4.75
C PHE A 105 3.77 3.87 4.39
N SER A 106 3.15 2.73 4.67
CA SER A 106 1.77 2.49 4.25
C SER A 106 1.09 1.44 5.14
N VAL A 107 -0.04 0.89 4.69
CA VAL A 107 -0.72 -0.18 5.41
C VAL A 107 -0.17 -1.57 5.02
N PRO A 108 -0.22 -2.54 5.94
CA PRO A 108 0.11 -3.92 5.58
C PRO A 108 -0.73 -4.37 4.38
N ALA A 109 -0.18 -5.23 3.54
CA ALA A 109 -0.91 -5.67 2.33
C ALA A 109 -2.31 -6.22 2.60
N ILE A 110 -2.51 -6.90 3.72
CA ILE A 110 -3.85 -7.45 4.00
C ILE A 110 -4.89 -6.33 4.13
N LEU A 111 -4.48 -5.22 4.72
CA LEU A 111 -5.34 -4.05 4.85
C LEU A 111 -5.41 -3.28 3.53
N LYS A 112 -4.31 -3.21 2.79
CA LYS A 112 -4.38 -2.62 1.44
C LYS A 112 -5.44 -3.37 0.61
N GLY A 113 -5.50 -4.68 0.77
CA GLY A 113 -6.47 -5.47 0.02
C GLY A 113 -7.91 -5.20 0.44
N TRP A 114 -8.12 -4.93 1.72
CA TRP A 114 -9.42 -4.51 2.18
C TRP A 114 -9.82 -3.23 1.47
N MET A 115 -8.92 -2.25 1.42
CA MET A 115 -9.22 -1.01 0.71
C MET A 115 -9.51 -1.29 -0.77
N ASP A 116 -8.66 -2.06 -1.43
CA ASP A 116 -8.83 -2.30 -2.87
C ASP A 116 -10.16 -2.96 -3.22
N ARG A 117 -10.57 -3.94 -2.39
CA ARG A 117 -11.70 -4.79 -2.72
C ARG A 117 -13.02 -4.29 -2.14
N VAL A 118 -12.97 -3.67 -0.98
CA VAL A 118 -14.21 -3.25 -0.32
C VAL A 118 -14.72 -1.91 -0.86
N LEU A 119 -13.79 -1.01 -1.16
CA LEU A 119 -14.20 0.35 -1.55
C LEU A 119 -14.40 0.47 -3.06
N CYS A 120 -15.36 -0.30 -3.59
CA CYS A 120 -15.54 -0.35 -5.03
C CYS A 120 -16.41 0.79 -5.55
N GLN A 121 -16.34 1.04 -6.85
CA GLN A 121 -17.21 2.05 -7.44
C GLN A 121 -18.67 1.65 -7.28
N GLY A 122 -19.52 2.63 -6.98
CA GLY A 122 -20.92 2.34 -6.70
C GLY A 122 -21.20 2.24 -5.21
N PHE A 123 -20.24 1.72 -4.46
CA PHE A 123 -20.39 1.66 -3.01
C PHE A 123 -19.70 2.84 -2.31
N ALA A 124 -18.41 3.02 -2.57
CA ALA A 124 -17.64 4.04 -1.86
C ALA A 124 -17.53 5.37 -2.59
N PHE A 125 -17.62 5.33 -3.92
CA PHE A 125 -17.54 6.54 -4.73
C PHE A 125 -18.20 6.26 -6.05
N ASP A 126 -18.45 7.32 -6.80
CA ASP A 126 -18.86 7.17 -8.17
C ASP A 126 -18.19 8.29 -8.95
N ILE A 127 -18.30 8.21 -10.27
CA ILE A 127 -17.69 9.20 -11.13
C ILE A 127 -18.77 9.77 -12.01
N PRO A 128 -19.36 10.91 -11.61
CA PRO A 128 -19.00 11.77 -10.48
C PRO A 128 -19.50 11.30 -9.12
N GLY A 129 -18.92 11.82 -8.04
CA GLY A 129 -19.28 11.41 -6.69
C GLY A 129 -18.06 10.98 -5.89
N PHE A 130 -17.14 11.91 -5.69
CA PHE A 130 -15.91 11.61 -4.98
C PHE A 130 -15.34 12.86 -4.29
N TYR A 131 -14.27 12.67 -3.52
CA TYR A 131 -13.84 13.66 -2.53
C TYR A 131 -15.03 14.16 -1.69
N ASP A 132 -15.30 15.46 -1.66
CA ASP A 132 -16.39 15.93 -0.80
C ASP A 132 -17.74 15.31 -1.20
N SER A 133 -17.85 14.88 -2.45
CA SER A 133 -19.05 14.21 -2.96
C SER A 133 -19.02 12.68 -2.87
N GLY A 134 -17.99 12.11 -2.24
CA GLY A 134 -17.90 10.66 -2.11
C GLY A 134 -19.13 10.05 -1.46
N LEU A 135 -19.35 8.75 -1.68
CA LEU A 135 -20.60 8.12 -1.23
C LEU A 135 -20.64 7.82 0.27
N LEU A 136 -19.48 7.87 0.92
CA LEU A 136 -19.43 7.61 2.35
C LEU A 136 -19.42 8.93 3.12
N GLN A 137 -19.89 10.00 2.47
CA GLN A 137 -20.03 11.27 3.16
C GLN A 137 -20.93 11.12 4.39
N GLY A 138 -20.60 11.86 5.44
CA GLY A 138 -21.32 11.78 6.68
C GLY A 138 -20.62 10.89 7.69
N LYS A 139 -19.63 10.14 7.23
CA LYS A 139 -18.91 9.20 8.09
C LYS A 139 -17.55 9.76 8.47
N LEU A 140 -17.03 9.30 9.60
CA LEU A 140 -15.70 9.70 10.06
C LEU A 140 -14.74 8.51 9.93
N ALA A 141 -13.47 8.82 9.67
CA ALA A 141 -12.42 7.80 9.65
C ALA A 141 -11.24 8.29 10.46
N LEU A 142 -10.47 7.36 11.00
CA LEU A 142 -9.31 7.72 11.82
C LEU A 142 -8.26 6.64 11.67
N LEU A 143 -7.03 7.04 11.39
CA LEU A 143 -5.91 6.11 11.31
C LEU A 143 -5.16 6.07 12.64
N SER A 144 -5.06 4.89 13.24
CA SER A 144 -4.26 4.72 14.44
C SER A 144 -3.10 3.82 14.04
N VAL A 145 -1.92 4.43 13.94
CA VAL A 145 -0.75 3.81 13.33
C VAL A 145 0.35 3.67 14.38
N THR A 146 1.10 2.57 14.31
CA THR A 146 2.29 2.43 15.13
C THR A 146 3.49 2.35 14.17
N THR A 147 4.67 2.76 14.62
CA THR A 147 5.84 2.78 13.76
C THR A 147 7.06 2.14 14.40
N GLY A 148 8.05 1.82 13.57
CA GLY A 148 9.38 1.52 14.05
C GLY A 148 10.19 2.77 14.29
N GLY A 149 10.12 3.71 13.36
CA GLY A 149 10.85 4.96 13.47
C GLY A 149 10.39 5.88 14.59
N THR A 150 11.31 6.67 15.13
CA THR A 150 10.96 7.60 16.19
C THR A 150 10.24 8.84 15.65
N ALA A 151 9.62 9.60 16.55
CA ALA A 151 8.98 10.85 16.15
C ALA A 151 9.98 11.79 15.48
N GLU A 152 11.20 11.84 16.02
CA GLU A 152 12.23 12.74 15.48
C GLU A 152 12.67 12.35 14.07
N MET A 153 12.71 11.06 13.77
CA MET A 153 13.01 10.60 12.42
C MET A 153 11.93 11.03 11.45
N TYR A 154 10.70 11.09 11.95
CA TYR A 154 9.56 11.52 11.13
C TYR A 154 9.25 13.02 11.26
N THR A 155 10.28 13.83 11.08
CA THR A 155 10.10 15.28 11.00
C THR A 155 10.58 15.78 9.64
N LYS A 156 10.25 17.03 9.32
CA LYS A 156 10.65 17.62 8.05
C LYS A 156 12.14 17.45 7.79
N THR A 157 12.94 17.64 8.83
CA THR A 157 14.40 17.56 8.69
C THR A 157 14.96 16.17 9.04
N GLY A 158 14.08 15.25 9.39
CA GLY A 158 14.48 13.89 9.68
C GLY A 158 14.69 13.10 8.40
N VAL A 159 15.28 11.91 8.52
CA VAL A 159 15.56 11.08 7.36
C VAL A 159 14.30 10.61 6.64
N ASN A 160 13.26 10.35 7.42
CA ASN A 160 12.00 9.80 6.91
C ASN A 160 11.04 10.88 6.41
N GLY A 161 11.38 12.15 6.62
CA GLY A 161 10.44 13.22 6.34
C GLY A 161 9.32 13.27 7.37
N ASP A 162 8.49 14.31 7.29
CA ASP A 162 7.40 14.44 8.24
C ASP A 162 6.38 13.31 8.14
N SER A 163 5.78 12.93 9.27
CA SER A 163 4.80 11.84 9.29
C SER A 163 3.59 12.13 8.40
N ARG A 164 3.20 13.40 8.29
CA ARG A 164 2.04 13.69 7.45
C ARG A 164 2.27 13.31 5.98
N TYR A 165 3.53 13.27 5.55
CA TYR A 165 3.83 12.92 4.17
C TYR A 165 3.27 11.53 3.79
N PHE A 166 3.48 10.54 4.65
CA PHE A 166 3.03 9.17 4.35
C PHE A 166 1.53 8.97 4.56
N LEU A 167 0.89 9.92 5.24
CA LEU A 167 -0.56 9.85 5.44
C LEU A 167 -1.35 10.20 4.17
N TRP A 168 -0.72 10.89 3.23
CA TRP A 168 -1.42 11.44 2.07
C TRP A 168 -2.21 10.42 1.23
N PRO A 169 -1.57 9.30 0.83
CA PRO A 169 -2.34 8.36 0.02
C PRO A 169 -3.52 7.74 0.78
N LEU A 170 -3.38 7.58 2.10
CA LEU A 170 -4.42 6.94 2.89
C LEU A 170 -5.54 7.93 3.25
N GLN A 171 -5.16 9.05 3.85
CA GLN A 171 -6.16 10.04 4.28
C GLN A 171 -6.82 10.76 3.11
N HIS A 172 -6.02 11.19 2.15
CA HIS A 172 -6.57 11.94 1.03
C HIS A 172 -6.97 11.05 -0.15
N GLY A 173 -6.03 10.25 -0.63
CA GLY A 173 -6.25 9.48 -1.84
C GLY A 173 -7.32 8.42 -1.67
N THR A 174 -7.49 7.93 -0.45
CA THR A 174 -8.45 6.85 -0.18
C THR A 174 -9.66 7.35 0.61
N LEU A 175 -9.44 7.72 1.88
CA LEU A 175 -10.57 8.07 2.74
C LEU A 175 -11.33 9.31 2.27
N HIS A 176 -10.64 10.43 2.06
CA HIS A 176 -11.30 11.65 1.60
C HIS A 176 -11.95 11.40 0.22
N PHE A 177 -11.26 10.65 -0.63
CA PHE A 177 -11.81 10.34 -1.97
C PHE A 177 -13.19 9.69 -1.88
N CYS A 178 -13.37 8.83 -0.88
CA CYS A 178 -14.65 8.15 -0.66
C CYS A 178 -15.67 8.99 0.12
N GLY A 179 -15.32 10.23 0.47
CA GLY A 179 -16.24 11.09 1.17
C GLY A 179 -16.15 11.12 2.70
N PHE A 180 -15.23 10.34 3.29
CA PHE A 180 -15.06 10.37 4.74
C PHE A 180 -14.55 11.74 5.15
N LYS A 181 -14.92 12.18 6.35
CA LYS A 181 -14.19 13.25 7.01
C LYS A 181 -13.15 12.55 7.85
N VAL A 182 -11.95 13.11 7.91
CA VAL A 182 -10.83 12.42 8.53
C VAL A 182 -10.49 13.08 9.87
N LEU A 183 -10.57 12.29 10.93
CA LEU A 183 -10.11 12.75 12.23
C LEU A 183 -8.59 12.70 12.31
N ALA A 184 -8.01 13.52 13.19
CA ALA A 184 -6.56 13.59 13.30
C ALA A 184 -5.98 12.21 13.58
N PRO A 185 -4.85 11.87 12.94
CA PRO A 185 -4.30 10.52 13.11
C PRO A 185 -3.81 10.29 14.52
N GLN A 186 -3.87 9.04 14.98
CA GLN A 186 -3.21 8.69 16.23
C GLN A 186 -1.93 7.95 15.87
N ILE A 187 -0.78 8.58 16.07
CA ILE A 187 0.46 7.88 15.77
C ILE A 187 1.22 7.58 17.05
N SER A 188 1.41 6.29 17.30
CA SER A 188 2.17 5.82 18.44
C SER A 188 3.56 5.45 17.94
N PHE A 189 4.53 6.31 18.22
CA PHE A 189 5.87 6.17 17.64
C PHE A 189 6.71 5.15 18.38
N ALA A 190 7.34 4.26 17.61
CA ALA A 190 8.43 3.42 18.10
C ALA A 190 8.19 2.76 19.46
N PRO A 191 7.07 2.03 19.59
CA PRO A 191 6.82 1.31 20.85
C PRO A 191 7.89 0.26 21.18
N GLU A 192 8.51 -0.33 20.17
CA GLU A 192 9.50 -1.37 20.41
C GLU A 192 10.71 -0.86 21.21
N ILE A 193 11.06 0.41 21.06
CA ILE A 193 12.21 0.96 21.77
C ILE A 193 11.82 1.89 22.92
N ALA A 194 10.53 2.16 23.06
CA ALA A 194 10.01 2.96 24.16
C ALA A 194 10.15 2.16 25.45
N SER A 195 10.21 2.87 26.59
CA SER A 195 10.25 2.19 27.87
C SER A 195 8.87 1.64 28.24
N GLU A 196 8.82 0.82 29.27
CA GLU A 196 7.57 0.23 29.73
C GLU A 196 6.57 1.31 30.11
N GLU A 197 7.04 2.34 30.80
CA GLU A 197 6.20 3.45 31.22
C GLU A 197 5.74 4.26 30.02
N GLU A 198 6.63 4.43 29.05
CA GLU A 198 6.30 5.15 27.84
C GLU A 198 5.25 4.41 27.02
N ARG A 199 5.43 3.08 26.88
CA ARG A 199 4.41 2.27 26.22
C ARG A 199 3.07 2.45 26.92
N LYS A 200 3.04 2.27 28.24
CA LYS A 200 1.79 2.40 28.98
C LYS A 200 1.17 3.79 28.82
N GLY A 201 2.01 4.80 28.68
CA GLY A 201 1.52 6.16 28.48
C GLY A 201 0.87 6.32 27.12
N MET A 202 1.44 5.66 26.11
CA MET A 202 0.89 5.74 24.76
C MET A 202 -0.48 5.07 24.67
N VAL A 203 -0.65 3.95 25.36
CA VAL A 203 -1.91 3.23 25.37
C VAL A 203 -2.97 4.03 26.11
N ALA A 204 -2.58 4.61 27.24
CA ALA A 204 -3.47 5.44 28.04
C ALA A 204 -3.87 6.73 27.31
N ALA A 205 -2.95 7.32 26.56
CA ALA A 205 -3.25 8.52 25.77
C ALA A 205 -4.35 8.23 24.73
N TRP A 206 -4.29 7.06 24.12
CA TRP A 206 -5.31 6.63 23.16
C TRP A 206 -6.66 6.41 23.84
N SER A 207 -6.67 5.67 24.95
CA SER A 207 -7.91 5.48 25.69
C SER A 207 -8.51 6.83 26.09
N GLN A 208 -7.65 7.72 26.56
CA GLN A 208 -8.12 9.03 27.00
C GLN A 208 -8.71 9.81 25.83
N ARG A 209 -8.05 9.75 24.67
CA ARG A 209 -8.54 10.48 23.52
C ARG A 209 -9.92 9.98 23.12
N LEU A 210 -10.13 8.68 23.22
CA LEU A 210 -11.39 8.10 22.80
C LEU A 210 -12.55 8.55 23.68
N GLN A 211 -12.26 8.91 24.93
CA GLN A 211 -13.30 9.43 25.83
C GLN A 211 -14.04 10.62 25.22
N THR A 212 -13.34 11.45 24.45
CA THR A 212 -13.93 12.66 23.89
C THR A 212 -13.92 12.67 22.36
N ILE A 213 -13.83 11.49 21.76
CA ILE A 213 -13.67 11.39 20.31
C ILE A 213 -14.87 11.98 19.57
N TRP A 214 -16.04 11.95 20.20
CA TRP A 214 -17.26 12.39 19.53
C TRP A 214 -17.40 13.91 19.51
N LYS A 215 -16.50 14.57 20.21
CA LYS A 215 -16.46 16.04 20.25
C LYS A 215 -15.49 16.61 19.22
N GLU A 216 -14.65 15.77 18.63
CA GLU A 216 -13.62 16.24 17.71
C GLU A 216 -14.20 16.66 16.37
N GLU A 217 -13.52 17.62 15.74
CA GLU A 217 -13.80 17.97 14.36
C GLU A 217 -12.72 17.38 13.45
N PRO A 218 -13.07 17.10 12.19
CA PRO A 218 -12.07 16.54 11.28
C PRO A 218 -10.99 17.55 10.90
N ILE A 219 -9.91 17.04 10.33
CA ILE A 219 -8.85 17.91 9.82
C ILE A 219 -9.26 18.43 8.46
N PRO A 220 -8.62 19.52 8.02
CA PRO A 220 -8.73 19.94 6.63
C PRO A 220 -7.85 19.03 5.81
N CYS A 221 -8.46 18.05 5.14
CA CYS A 221 -7.69 17.05 4.42
C CYS A 221 -7.23 17.61 3.08
N THR A 222 -6.19 18.44 3.13
CA THR A 222 -5.70 19.15 1.95
C THR A 222 -4.20 18.98 1.76
N ALA A 223 -3.70 19.36 0.58
CA ALA A 223 -2.26 19.36 0.35
C ALA A 223 -1.57 20.22 1.40
N HIS A 224 -2.16 21.37 1.70
CA HIS A 224 -1.53 22.28 2.67
C HIS A 224 -1.37 21.62 4.03
N TRP A 225 -2.39 20.93 4.51
CA TRP A 225 -2.32 20.27 5.81
C TRP A 225 -1.19 19.24 5.78
N HIS A 226 -1.09 18.49 4.69
CA HIS A 226 -0.11 17.43 4.60
C HIS A 226 1.32 17.91 4.36
N PHE A 227 1.50 18.94 3.55
CA PHE A 227 2.83 19.30 3.04
C PHE A 227 3.29 20.71 3.40
N GLY A 228 2.33 21.58 3.71
CA GLY A 228 2.61 22.95 4.08
C GLY A 228 3.26 23.72 2.93
N GLY B 1 26.38 -6.92 -19.89
CA GLY B 1 25.51 -8.05 -19.64
C GLY B 1 24.58 -7.84 -18.45
N LYS B 2 23.60 -6.95 -18.61
CA LYS B 2 22.74 -6.55 -17.50
C LYS B 2 21.59 -7.51 -17.27
N LYS B 3 21.16 -7.58 -16.01
CA LYS B 3 20.04 -8.43 -15.64
C LYS B 3 18.90 -7.56 -15.11
N VAL B 4 17.69 -7.84 -15.59
CA VAL B 4 16.50 -7.09 -15.21
C VAL B 4 15.45 -8.05 -14.65
N LEU B 5 14.83 -7.63 -13.53
CA LEU B 5 13.64 -8.30 -13.02
C LEU B 5 12.46 -7.36 -13.19
N ILE B 6 11.38 -7.84 -13.80
CA ILE B 6 10.15 -7.07 -13.88
C ILE B 6 9.13 -7.68 -12.92
N VAL B 7 8.68 -6.90 -11.94
CA VAL B 7 7.66 -7.36 -11.00
C VAL B 7 6.35 -6.76 -11.48
N TYR B 8 5.48 -7.63 -11.97
CA TYR B 8 4.31 -7.23 -12.74
C TYR B 8 3.02 -7.56 -11.98
N ALA B 9 2.11 -6.59 -11.86
CA ALA B 9 0.88 -6.78 -11.10
C ALA B 9 -0.38 -6.36 -11.87
N HIS B 10 -0.80 -7.17 -12.83
CA HIS B 10 -2.10 -6.95 -13.46
C HIS B 10 -2.72 -8.31 -13.75
N GLN B 11 -4.04 -8.38 -13.65
CA GLN B 11 -4.77 -9.63 -13.84
C GLN B 11 -4.92 -10.05 -15.30
N GLU B 12 -4.75 -9.09 -16.20
CA GLU B 12 -5.10 -9.27 -17.59
C GLU B 12 -3.97 -9.02 -18.59
N PRO B 13 -3.55 -10.07 -19.29
CA PRO B 13 -2.45 -10.04 -20.27
C PRO B 13 -2.65 -8.99 -21.38
N LYS B 14 -3.90 -8.72 -21.75
CA LYS B 14 -4.20 -7.79 -22.84
C LYS B 14 -4.33 -6.33 -22.40
N SER B 15 -4.04 -6.07 -21.13
CA SER B 15 -4.22 -4.75 -20.55
C SER B 15 -3.10 -3.81 -21.02
N PHE B 16 -3.31 -2.52 -20.80
CA PHE B 16 -2.26 -1.54 -21.06
C PHE B 16 -1.01 -1.95 -20.26
N ASN B 17 -1.21 -2.35 -19.00
CA ASN B 17 -0.09 -2.81 -18.17
C ASN B 17 0.61 -4.01 -18.80
N GLY B 18 -0.18 -4.98 -19.23
CA GLY B 18 0.36 -6.15 -19.91
C GLY B 18 1.16 -5.77 -21.14
N SER B 19 0.68 -4.78 -21.88
CA SER B 19 1.39 -4.33 -23.07
C SER B 19 2.70 -3.65 -22.72
N LEU B 20 2.68 -2.82 -21.67
CA LEU B 20 3.91 -2.18 -21.20
C LEU B 20 4.92 -3.23 -20.71
N LYS B 21 4.45 -4.24 -19.99
CA LYS B 21 5.36 -5.32 -19.56
C LYS B 21 5.96 -6.06 -20.76
N ASN B 22 5.13 -6.40 -21.74
CA ASN B 22 5.64 -7.12 -22.91
C ASN B 22 6.62 -6.30 -23.74
N VAL B 23 6.36 -5.00 -23.87
CA VAL B 23 7.27 -4.10 -24.57
C VAL B 23 8.63 -4.07 -23.88
N ALA B 24 8.62 -4.04 -22.56
CA ALA B 24 9.85 -4.06 -21.78
C ALA B 24 10.58 -5.38 -22.00
N VAL B 25 9.88 -6.50 -21.87
CA VAL B 25 10.50 -7.78 -22.17
C VAL B 25 11.12 -7.78 -23.57
N ASP B 26 10.33 -7.40 -24.57
CA ASP B 26 10.81 -7.45 -25.96
C ASP B 26 12.07 -6.61 -26.15
N GLU B 27 12.01 -5.36 -25.69
CA GLU B 27 13.10 -4.42 -25.92
C GLU B 27 14.37 -4.77 -25.13
N LEU B 28 14.22 -5.10 -23.85
CA LEU B 28 15.38 -5.48 -23.06
C LEU B 28 15.99 -6.79 -23.56
N SER B 29 15.15 -7.73 -24.00
CA SER B 29 15.62 -8.99 -24.57
C SER B 29 16.40 -8.72 -25.85
N ARG B 30 15.85 -7.82 -26.67
CA ARG B 30 16.48 -7.43 -27.93
C ARG B 30 17.89 -6.90 -27.70
N GLN B 31 18.07 -6.16 -26.61
CA GLN B 31 19.36 -5.56 -26.26
C GLN B 31 20.34 -6.63 -25.79
N GLY B 32 19.83 -7.81 -25.48
CA GLY B 32 20.67 -8.90 -25.01
C GLY B 32 20.75 -8.95 -23.50
N CYS B 33 19.87 -8.21 -22.83
CA CYS B 33 19.77 -8.30 -21.38
C CYS B 33 19.20 -9.63 -20.94
N THR B 34 19.54 -10.02 -19.72
CA THR B 34 18.92 -11.18 -19.09
C THR B 34 17.64 -10.67 -18.43
N VAL B 35 16.51 -11.29 -18.74
CA VAL B 35 15.22 -10.79 -18.28
C VAL B 35 14.40 -11.86 -17.55
N THR B 36 13.89 -11.50 -16.38
CA THR B 36 13.00 -12.33 -15.59
C THR B 36 11.74 -11.54 -15.22
N VAL B 37 10.58 -12.21 -15.22
CA VAL B 37 9.30 -11.55 -14.90
C VAL B 37 8.61 -12.31 -13.77
N SER B 38 8.25 -11.59 -12.71
CA SER B 38 7.41 -12.15 -11.66
C SER B 38 6.00 -11.65 -11.88
N ASP B 39 5.18 -12.53 -12.45
CA ASP B 39 3.78 -12.22 -12.80
C ASP B 39 2.96 -12.59 -11.59
N LEU B 40 2.79 -11.62 -10.67
CA LEU B 40 2.27 -11.92 -9.34
C LEU B 40 0.89 -12.57 -9.35
N TYR B 41 -0.04 -12.09 -10.18
CA TYR B 41 -1.37 -12.70 -10.17
C TYR B 41 -1.32 -14.13 -10.73
N ALA B 42 -0.53 -14.34 -11.78
CA ALA B 42 -0.41 -15.67 -12.37
C ALA B 42 0.22 -16.64 -11.38
N MET B 43 1.12 -16.12 -10.54
CA MET B 43 1.77 -16.94 -9.51
C MET B 43 0.86 -17.14 -8.28
N ASN B 44 -0.30 -16.50 -8.30
CA ASN B 44 -1.14 -16.43 -7.10
C ASN B 44 -0.32 -16.05 -5.87
N PHE B 45 0.54 -15.05 -6.05
CA PHE B 45 1.48 -14.64 -5.02
C PHE B 45 0.78 -14.29 -3.70
N GLU B 46 1.27 -14.86 -2.61
CA GLU B 46 0.73 -14.60 -1.27
C GLU B 46 1.05 -13.20 -0.75
N PRO B 47 0.03 -12.37 -0.49
CA PRO B 47 0.33 -11.00 -0.02
C PRO B 47 0.45 -10.87 1.50
N ARG B 48 -0.10 -11.83 2.24
CA ARG B 48 -0.21 -11.68 3.70
C ARG B 48 1.08 -12.03 4.41
N ALA B 49 1.51 -11.16 5.33
CA ALA B 49 2.67 -11.40 6.18
C ALA B 49 2.25 -12.24 7.37
N THR B 50 2.55 -13.55 7.34
CA THR B 50 2.09 -14.44 8.40
C THR B 50 3.18 -15.39 8.86
N ASP B 51 2.90 -16.13 9.91
CA ASP B 51 3.88 -17.08 10.43
C ASP B 51 4.15 -18.26 9.50
N LYS B 52 3.42 -18.37 8.40
CA LYS B 52 3.72 -19.39 7.40
C LYS B 52 4.94 -19.01 6.57
N ASP B 53 5.42 -17.78 6.73
CA ASP B 53 6.58 -17.32 5.97
C ASP B 53 7.88 -17.84 6.56
N ILE B 54 7.79 -18.45 7.74
CA ILE B 54 8.94 -19.07 8.40
C ILE B 54 8.74 -20.58 8.43
N THR B 55 9.74 -21.35 8.00
CA THR B 55 9.60 -22.80 7.96
C THR B 55 10.25 -23.48 9.17
N GLY B 56 11.13 -22.76 9.85
CA GLY B 56 11.86 -23.34 10.97
C GLY B 56 11.12 -23.26 12.29
N THR B 57 11.84 -23.52 13.37
CA THR B 57 11.33 -23.30 14.71
C THR B 57 11.30 -21.80 14.96
N LEU B 58 10.17 -21.29 15.42
CA LEU B 58 10.06 -19.87 15.70
C LEU B 58 10.98 -19.45 16.85
N SER B 59 11.60 -18.28 16.71
CA SER B 59 12.52 -17.81 17.73
C SER B 59 11.80 -17.47 19.02
N ASN B 60 10.52 -17.08 18.90
CA ASN B 60 9.67 -16.85 20.07
C ASN B 60 8.25 -17.29 19.80
N PRO B 61 7.96 -18.58 20.03
CA PRO B 61 6.67 -19.20 19.69
C PRO B 61 5.50 -18.81 20.60
N GLU B 62 5.74 -17.93 21.58
CA GLU B 62 4.66 -17.49 22.46
C GLU B 62 4.06 -16.16 22.01
N VAL B 63 4.90 -15.32 21.41
CA VAL B 63 4.47 -14.04 20.88
C VAL B 63 5.07 -13.86 19.49
N PHE B 64 4.22 -13.76 18.48
CA PHE B 64 4.70 -13.70 17.09
C PHE B 64 5.03 -12.28 16.64
N ASN B 65 6.29 -12.06 16.30
CA ASN B 65 6.75 -10.76 15.83
C ASN B 65 7.27 -10.96 14.42
N TYR B 66 6.52 -10.50 13.42
CA TYR B 66 6.86 -10.78 12.02
C TYR B 66 8.27 -10.30 11.65
N GLY B 67 8.59 -9.06 12.01
CA GLY B 67 9.89 -8.50 11.69
C GLY B 67 11.04 -9.29 12.30
N VAL B 68 10.90 -9.63 13.57
CA VAL B 68 11.97 -10.37 14.23
C VAL B 68 12.13 -11.75 13.65
N GLU B 69 11.01 -12.46 13.47
CA GLU B 69 11.04 -13.83 12.98
C GLU B 69 11.59 -13.93 11.55
N THR B 70 11.19 -13.00 10.68
CA THR B 70 11.71 -13.06 9.32
C THR B 70 13.17 -12.67 9.24
N HIS B 71 13.60 -11.70 10.05
CA HIS B 71 15.01 -11.35 10.12
C HIS B 71 15.81 -12.60 10.49
N GLU B 72 15.39 -13.26 11.56
CA GLU B 72 16.08 -14.46 12.01
C GLU B 72 16.04 -15.58 10.97
N ALA B 73 14.89 -15.75 10.31
CA ALA B 73 14.76 -16.80 9.30
C ALA B 73 15.63 -16.52 8.09
N TYR B 74 15.79 -15.25 7.75
CA TYR B 74 16.66 -14.92 6.63
C TYR B 74 18.08 -15.40 6.92
N LYS B 75 18.55 -15.11 8.14
CA LYS B 75 19.90 -15.45 8.55
C LYS B 75 20.10 -16.95 8.69
N GLN B 76 19.03 -17.66 9.00
CA GLN B 76 19.09 -19.11 9.19
C GLN B 76 18.59 -19.87 7.97
N ARG B 77 18.35 -19.16 6.88
CA ARG B 77 17.94 -19.77 5.61
C ARG B 77 16.65 -20.57 5.74
N SER B 78 15.73 -20.10 6.57
CA SER B 78 14.45 -20.79 6.79
C SER B 78 13.21 -19.95 6.44
N LEU B 79 13.33 -19.08 5.44
CA LEU B 79 12.15 -18.39 4.91
C LEU B 79 11.42 -19.32 3.95
N ALA B 80 10.12 -19.09 3.78
CA ALA B 80 9.32 -19.85 2.82
C ALA B 80 9.91 -19.69 1.42
N SER B 81 9.75 -20.73 0.60
CA SER B 81 10.42 -20.76 -0.70
C SER B 81 9.91 -19.70 -1.67
N ASP B 82 8.65 -19.28 -1.55
CA ASP B 82 8.17 -18.24 -2.46
C ASP B 82 8.93 -16.93 -2.23
N ILE B 83 9.23 -16.63 -0.97
CA ILE B 83 10.00 -15.44 -0.62
C ILE B 83 11.44 -15.58 -1.10
N THR B 84 12.10 -16.70 -0.78
CA THR B 84 13.49 -16.86 -1.15
C THR B 84 13.67 -16.90 -2.67
N ASP B 85 12.68 -17.42 -3.40
CA ASP B 85 12.73 -17.38 -4.86
C ASP B 85 12.78 -15.94 -5.35
N GLU B 86 11.93 -15.08 -4.77
CA GLU B 86 11.92 -13.68 -5.19
C GLU B 86 13.23 -13.00 -4.79
N GLN B 87 13.76 -13.34 -3.61
CA GLN B 87 15.01 -12.72 -3.16
C GLN B 87 16.17 -13.08 -4.09
N LYS B 88 16.16 -14.30 -4.62
CA LYS B 88 17.18 -14.68 -5.58
C LYS B 88 17.12 -13.82 -6.83
N LYS B 89 15.91 -13.58 -7.33
CA LYS B 89 15.76 -12.78 -8.55
C LYS B 89 16.26 -11.35 -8.33
N VAL B 90 15.96 -10.79 -7.16
CA VAL B 90 16.34 -9.42 -6.82
C VAL B 90 17.86 -9.32 -6.65
N ARG B 91 18.42 -10.31 -5.99
CA ARG B 91 19.86 -10.37 -5.73
C ARG B 91 20.65 -10.32 -7.04
N GLU B 92 20.19 -11.09 -8.03
CA GLU B 92 20.88 -11.18 -9.32
C GLU B 92 20.65 -9.96 -10.21
N ALA B 93 19.58 -9.21 -9.95
CA ALA B 93 19.18 -8.14 -10.86
C ALA B 93 20.01 -6.84 -10.74
N ASP B 94 20.25 -6.20 -11.88
CA ASP B 94 20.87 -4.88 -11.90
C ASP B 94 19.82 -3.78 -11.86
N LEU B 95 18.63 -4.12 -12.36
CA LEU B 95 17.50 -3.19 -12.40
C LEU B 95 16.20 -3.93 -12.09
N VAL B 96 15.37 -3.34 -11.23
CA VAL B 96 14.04 -3.89 -10.96
C VAL B 96 13.01 -2.89 -11.41
N ILE B 97 12.18 -3.31 -12.36
CA ILE B 97 11.07 -2.51 -12.87
C ILE B 97 9.81 -3.03 -12.21
N PHE B 98 9.00 -2.13 -11.65
CA PHE B 98 7.68 -2.49 -11.15
C PHE B 98 6.64 -1.96 -12.11
N GLN B 99 5.79 -2.86 -12.61
CA GLN B 99 4.76 -2.47 -13.58
C GLN B 99 3.39 -2.71 -12.97
N PHE B 100 2.62 -1.64 -12.76
CA PHE B 100 1.36 -1.80 -12.05
C PHE B 100 0.40 -0.65 -12.31
N PRO B 101 -0.91 -0.92 -12.20
CA PRO B 101 -1.89 0.16 -12.19
C PRO B 101 -1.93 0.77 -10.79
N LEU B 102 -2.11 2.08 -10.70
CA LEU B 102 -2.21 2.73 -9.39
C LEU B 102 -3.53 2.32 -8.75
N TYR B 103 -3.44 1.78 -7.53
CA TYR B 103 -4.62 1.44 -6.73
C TYR B 103 -4.57 2.26 -5.45
N TRP B 104 -5.54 3.16 -5.26
CA TRP B 104 -5.59 3.96 -4.04
C TRP B 104 -4.27 4.71 -3.77
N PHE B 105 -3.78 5.42 -4.78
CA PHE B 105 -2.54 6.19 -4.66
C PHE B 105 -1.34 5.33 -4.28
N SER B 106 -1.41 4.03 -4.59
CA SER B 106 -0.37 3.11 -4.16
C SER B 106 -0.31 1.88 -5.10
N VAL B 107 0.40 0.84 -4.67
CA VAL B 107 0.44 -0.40 -5.46
C VAL B 107 -0.74 -1.30 -5.11
N PRO B 108 -1.21 -2.12 -6.06
CA PRO B 108 -2.21 -3.16 -5.73
C PRO B 108 -1.74 -4.01 -4.54
N ALA B 109 -2.67 -4.52 -3.73
CA ALA B 109 -2.29 -5.25 -2.52
C ALA B 109 -1.34 -6.42 -2.81
N ILE B 110 -1.52 -7.09 -3.94
CA ILE B 110 -0.65 -8.25 -4.24
C ILE B 110 0.82 -7.81 -4.36
N LEU B 111 1.05 -6.63 -4.93
CA LEU B 111 2.39 -6.08 -5.03
C LEU B 111 2.87 -5.48 -3.69
N LYS B 112 1.95 -4.86 -2.92
CA LYS B 112 2.34 -4.42 -1.57
C LYS B 112 2.83 -5.62 -0.78
N GLY B 113 2.19 -6.77 -0.99
CA GLY B 113 2.55 -7.99 -0.29
C GLY B 113 3.95 -8.47 -0.67
N TRP B 114 4.30 -8.31 -1.94
CA TRP B 114 5.65 -8.64 -2.40
C TRP B 114 6.67 -7.76 -1.68
N MET B 115 6.38 -6.46 -1.60
CA MET B 115 7.27 -5.56 -0.84
C MET B 115 7.38 -5.96 0.63
N ASP B 116 6.24 -6.24 1.26
CA ASP B 116 6.21 -6.55 2.69
C ASP B 116 7.01 -7.82 3.01
N ARG B 117 6.85 -8.83 2.16
CA ARG B 117 7.38 -10.16 2.45
C ARG B 117 8.79 -10.41 1.89
N VAL B 118 9.11 -9.81 0.75
CA VAL B 118 10.41 -10.06 0.11
C VAL B 118 11.54 -9.19 0.69
N LEU B 119 11.23 -7.93 0.97
CA LEU B 119 12.24 -6.97 1.42
C LEU B 119 12.44 -7.01 2.93
N CYS B 120 12.93 -8.14 3.44
CA CYS B 120 13.04 -8.31 4.89
C CYS B 120 14.38 -7.80 5.44
N GLN B 121 14.42 -7.56 6.74
CA GLN B 121 15.67 -7.14 7.38
C GLN B 121 16.73 -8.21 7.16
N GLY B 122 17.95 -7.79 6.85
CA GLY B 122 19.02 -8.72 6.56
C GLY B 122 19.23 -8.93 5.08
N PHE B 123 18.14 -8.81 4.32
CA PHE B 123 18.21 -8.92 2.88
C PHE B 123 18.26 -7.55 2.20
N ALA B 124 17.28 -6.70 2.52
CA ALA B 124 17.13 -5.44 1.82
C ALA B 124 17.67 -4.26 2.65
N PHE B 125 17.73 -4.42 3.96
CA PHE B 125 18.21 -3.35 4.84
C PHE B 125 18.61 -3.91 6.19
N ASP B 126 19.34 -3.11 6.94
CA ASP B 126 19.77 -3.52 8.27
C ASP B 126 20.17 -2.25 9.02
N ILE B 127 20.64 -2.41 10.25
CA ILE B 127 21.32 -1.35 10.97
C ILE B 127 22.81 -1.65 10.78
N PRO B 128 23.55 -0.76 10.08
CA PRO B 128 23.25 0.61 9.62
C PRO B 128 22.87 0.77 8.14
N GLY B 129 22.67 -0.33 7.43
CA GLY B 129 22.47 -0.28 6.00
C GLY B 129 21.07 0.12 5.55
N PHE B 130 20.84 1.41 5.40
CA PHE B 130 19.56 1.91 4.88
C PHE B 130 19.72 3.26 4.18
N TYR B 131 18.70 3.64 3.42
CA TYR B 131 18.81 4.72 2.45
C TYR B 131 20.06 4.57 1.57
N ASP B 132 20.92 5.59 1.51
CA ASP B 132 22.11 5.49 0.64
C ASP B 132 22.92 4.22 0.89
N SER B 133 22.82 3.73 2.12
CA SER B 133 23.60 2.59 2.59
C SER B 133 22.80 1.29 2.57
N GLY B 134 21.55 1.35 2.11
CA GLY B 134 20.72 0.14 2.06
C GLY B 134 21.40 -1.03 1.36
N LEU B 135 21.01 -2.24 1.73
CA LEU B 135 21.72 -3.46 1.27
C LEU B 135 21.63 -3.75 -0.23
N LEU B 136 20.67 -3.14 -0.91
CA LEU B 136 20.50 -3.33 -2.35
C LEU B 136 21.19 -2.20 -3.11
N GLN B 137 22.15 -1.54 -2.45
CA GLN B 137 22.91 -0.48 -3.07
C GLN B 137 23.65 -1.01 -4.29
N GLY B 138 23.72 -0.21 -5.33
CA GLY B 138 24.29 -0.63 -6.59
C GLY B 138 23.21 -0.97 -7.60
N LYS B 139 22.01 -1.25 -7.11
CA LYS B 139 20.91 -1.64 -7.99
C LYS B 139 20.07 -0.43 -8.34
N LEU B 140 19.36 -0.53 -9.46
CA LEU B 140 18.47 0.52 -9.91
C LEU B 140 17.05 0.03 -9.79
N ALA B 141 16.12 0.94 -9.50
CA ALA B 141 14.70 0.58 -9.48
C ALA B 141 13.91 1.64 -10.22
N LEU B 142 12.80 1.21 -10.82
CA LEU B 142 11.98 2.07 -11.64
C LEU B 142 10.52 1.69 -11.48
N LEU B 143 9.69 2.68 -11.16
CA LEU B 143 8.24 2.47 -11.08
C LEU B 143 7.57 2.85 -12.39
N SER B 144 6.88 1.90 -13.01
CA SER B 144 6.13 2.18 -14.22
C SER B 144 4.65 1.99 -13.89
N VAL B 145 3.94 3.10 -13.78
CA VAL B 145 2.60 3.10 -13.23
C VAL B 145 1.63 3.68 -14.25
N THR B 146 0.42 3.13 -14.30
CA THR B 146 -0.66 3.68 -15.10
C THR B 146 -1.69 4.24 -14.12
N THR B 147 -2.38 5.30 -14.52
CA THR B 147 -3.38 5.90 -13.63
C THR B 147 -4.76 5.94 -14.25
N GLY B 148 -5.78 6.05 -13.40
CA GLY B 148 -7.11 6.37 -13.86
C GLY B 148 -7.26 7.86 -14.09
N GLY B 149 -6.59 8.66 -13.25
CA GLY B 149 -6.66 10.11 -13.35
C GLY B 149 -5.78 10.74 -14.43
N THR B 150 -6.21 11.88 -14.95
CA THR B 150 -5.47 12.58 -15.98
C THR B 150 -4.28 13.31 -15.38
N ALA B 151 -3.34 13.69 -16.25
CA ALA B 151 -2.17 14.43 -15.81
C ALA B 151 -2.58 15.73 -15.11
N GLU B 152 -3.61 16.38 -15.62
CA GLU B 152 -4.07 17.65 -15.05
C GLU B 152 -4.61 17.49 -13.63
N MET B 153 -5.21 16.33 -13.34
CA MET B 153 -5.70 16.06 -12.00
C MET B 153 -4.53 15.88 -11.05
N TYR B 154 -3.40 15.43 -11.60
CA TYR B 154 -2.19 15.24 -10.80
C TYR B 154 -1.22 16.41 -10.86
N THR B 155 -1.74 17.61 -10.61
CA THR B 155 -0.90 18.80 -10.47
C THR B 155 -0.89 19.30 -9.03
N LYS B 156 0.07 20.14 -8.70
CA LYS B 156 0.22 20.64 -7.34
C LYS B 156 -1.10 21.13 -6.76
N THR B 157 -1.85 21.90 -7.55
CA THR B 157 -3.08 22.50 -7.07
C THR B 157 -4.32 21.77 -7.58
N GLY B 158 -4.10 20.67 -8.29
CA GLY B 158 -5.19 19.84 -8.79
C GLY B 158 -5.79 18.99 -7.68
N VAL B 159 -6.91 18.31 -7.99
CA VAL B 159 -7.64 17.58 -6.96
C VAL B 159 -6.83 16.46 -6.30
N ASN B 160 -5.97 15.81 -7.09
CA ASN B 160 -5.19 14.68 -6.59
C ASN B 160 -3.84 15.08 -6.02
N GLY B 161 -3.43 16.33 -6.22
CA GLY B 161 -2.09 16.73 -5.87
C GLY B 161 -1.10 16.26 -6.92
N ASP B 162 0.16 16.66 -6.78
CA ASP B 162 1.20 16.27 -7.72
C ASP B 162 1.42 14.76 -7.65
N SER B 163 1.66 14.13 -8.79
CA SER B 163 1.90 12.68 -8.80
C SER B 163 3.10 12.35 -7.91
N ARG B 164 4.04 13.29 -7.78
CA ARG B 164 5.21 13.07 -6.94
C ARG B 164 4.83 12.78 -5.49
N TYR B 165 3.72 13.36 -5.05
CA TYR B 165 3.22 13.17 -3.69
C TYR B 165 2.94 11.70 -3.34
N PHE B 166 2.31 10.96 -4.23
CA PHE B 166 2.03 9.56 -3.95
C PHE B 166 3.25 8.66 -4.15
N LEU B 167 4.27 9.15 -4.85
CA LEU B 167 5.47 8.35 -5.09
C LEU B 167 6.34 8.21 -3.83
N TRP B 168 6.15 9.12 -2.89
CA TRP B 168 7.02 9.19 -1.70
C TRP B 168 7.15 7.87 -0.93
N PRO B 169 6.01 7.25 -0.56
CA PRO B 169 6.13 5.99 0.19
C PRO B 169 6.84 4.90 -0.62
N LEU B 170 6.63 4.89 -1.93
CA LEU B 170 7.20 3.84 -2.78
C LEU B 170 8.67 4.12 -3.11
N GLN B 171 8.95 5.31 -3.62
CA GLN B 171 10.30 5.65 -4.04
C GLN B 171 11.23 5.87 -2.86
N HIS B 172 10.82 6.68 -1.90
CA HIS B 172 11.70 7.00 -0.79
C HIS B 172 11.54 6.02 0.38
N GLY B 173 10.32 5.85 0.86
CA GLY B 173 10.07 4.99 2.02
C GLY B 173 10.43 3.54 1.77
N THR B 174 10.37 3.11 0.51
CA THR B 174 10.63 1.71 0.19
C THR B 174 11.93 1.52 -0.62
N LEU B 175 11.96 1.97 -1.86
CA LEU B 175 13.12 1.70 -2.74
C LEU B 175 14.42 2.35 -2.24
N HIS B 176 14.38 3.65 -1.99
CA HIS B 176 15.58 4.35 -1.51
C HIS B 176 16.02 3.76 -0.17
N PHE B 177 15.07 3.52 0.71
CA PHE B 177 15.39 2.94 2.02
C PHE B 177 16.22 1.67 1.89
N CYS B 178 15.89 0.84 0.89
CA CYS B 178 16.62 -0.41 0.68
C CYS B 178 17.94 -0.24 -0.11
N GLY B 179 18.27 1.00 -0.47
CA GLY B 179 19.56 1.23 -1.11
C GLY B 179 19.49 1.38 -2.62
N PHE B 180 18.31 1.14 -3.19
CA PHE B 180 18.12 1.37 -4.62
C PHE B 180 18.43 2.81 -4.98
N LYS B 181 19.06 3.01 -6.13
CA LYS B 181 19.06 4.32 -6.77
C LYS B 181 17.82 4.30 -7.64
N VAL B 182 17.01 5.34 -7.56
CA VAL B 182 15.71 5.33 -8.20
C VAL B 182 15.73 6.08 -9.52
N LEU B 183 15.42 5.38 -10.61
CA LEU B 183 15.33 6.06 -11.90
C LEU B 183 14.00 6.79 -11.92
N ALA B 184 13.91 7.82 -12.76
CA ALA B 184 12.71 8.62 -12.85
C ALA B 184 11.52 7.70 -13.14
N PRO B 185 10.38 7.95 -12.50
CA PRO B 185 9.23 7.06 -12.72
C PRO B 185 8.72 7.19 -14.14
N GLN B 186 8.09 6.13 -14.65
CA GLN B 186 7.40 6.19 -15.93
C GLN B 186 5.92 6.24 -15.63
N ILE B 187 5.31 7.40 -15.83
CA ILE B 187 3.89 7.52 -15.53
C ILE B 187 3.07 7.64 -16.79
N SER B 188 2.24 6.62 -17.04
CA SER B 188 1.39 6.60 -18.20
C SER B 188 -0.02 6.99 -17.75
N PHE B 189 -0.34 8.27 -17.90
CA PHE B 189 -1.57 8.84 -17.37
C PHE B 189 -2.81 8.42 -18.14
N ALA B 190 -3.82 7.93 -17.42
CA ALA B 190 -5.16 7.74 -17.96
C ALA B 190 -5.22 7.11 -19.35
N PRO B 191 -4.72 5.87 -19.49
CA PRO B 191 -4.84 5.20 -20.79
C PRO B 191 -6.29 4.86 -21.16
N GLU B 192 -7.16 4.63 -20.18
CA GLU B 192 -8.55 4.28 -20.46
C GLU B 192 -9.28 5.42 -21.19
N ILE B 193 -8.88 6.66 -20.94
CA ILE B 193 -9.55 7.80 -21.58
C ILE B 193 -8.73 8.42 -22.70
N ALA B 194 -7.45 8.05 -22.79
CA ALA B 194 -6.62 8.49 -23.91
C ALA B 194 -7.12 7.92 -25.23
N SER B 195 -6.85 8.63 -26.32
CA SER B 195 -7.19 8.15 -27.66
C SER B 195 -6.25 7.02 -28.08
N GLU B 196 -6.61 6.34 -29.17
CA GLU B 196 -5.80 5.23 -29.64
C GLU B 196 -4.36 5.67 -29.95
N GLU B 197 -4.23 6.83 -30.57
CA GLU B 197 -2.92 7.34 -30.95
C GLU B 197 -2.14 7.85 -29.73
N GLU B 198 -2.85 8.33 -28.73
CA GLU B 198 -2.20 8.74 -27.49
C GLU B 198 -1.67 7.52 -26.73
N ARG B 199 -2.44 6.43 -26.73
CA ARG B 199 -2.01 5.19 -26.10
C ARG B 199 -0.77 4.68 -26.81
N LYS B 200 -0.79 4.69 -28.13
CA LYS B 200 0.36 4.20 -28.87
C LYS B 200 1.58 5.09 -28.59
N GLY B 201 1.35 6.39 -28.44
CA GLY B 201 2.41 7.31 -28.09
C GLY B 201 3.04 6.97 -26.74
N MET B 202 2.21 6.65 -25.76
CA MET B 202 2.70 6.34 -24.42
C MET B 202 3.50 5.04 -24.39
N VAL B 203 3.00 4.01 -25.06
CA VAL B 203 3.76 2.78 -25.23
C VAL B 203 5.09 3.02 -25.94
N ALA B 204 5.08 3.84 -27.00
CA ALA B 204 6.27 4.12 -27.76
C ALA B 204 7.30 4.87 -26.93
N ALA B 205 6.83 5.80 -26.11
CA ALA B 205 7.73 6.55 -25.24
C ALA B 205 8.47 5.59 -24.31
N TRP B 206 7.73 4.59 -23.82
CA TRP B 206 8.28 3.59 -22.90
C TRP B 206 9.31 2.71 -23.60
N SER B 207 8.94 2.17 -24.76
CA SER B 207 9.87 1.36 -25.55
C SER B 207 11.10 2.17 -25.91
N GLN B 208 10.88 3.40 -26.37
CA GLN B 208 11.99 4.29 -26.70
C GLN B 208 12.85 4.59 -25.47
N ARG B 209 12.22 4.92 -24.35
CA ARG B 209 12.99 5.18 -23.14
C ARG B 209 13.88 3.98 -22.80
N LEU B 210 13.33 2.78 -22.95
CA LEU B 210 14.06 1.56 -22.60
C LEU B 210 15.33 1.37 -23.44
N GLN B 211 15.35 1.95 -24.64
CA GLN B 211 16.54 1.89 -25.49
C GLN B 211 17.78 2.50 -24.83
N THR B 212 17.59 3.52 -24.01
CA THR B 212 18.73 4.21 -23.39
C THR B 212 18.68 4.19 -21.86
N ILE B 213 17.99 3.20 -21.30
CA ILE B 213 17.79 3.14 -19.84
C ILE B 213 19.13 3.06 -19.07
N TRP B 214 20.15 2.44 -19.67
CA TRP B 214 21.43 2.27 -19.00
C TRP B 214 22.29 3.54 -19.01
N LYS B 215 21.82 4.58 -19.70
CA LYS B 215 22.54 5.86 -19.74
C LYS B 215 21.97 6.84 -18.72
N GLU B 216 20.88 6.47 -18.05
CA GLU B 216 20.23 7.39 -17.13
C GLU B 216 20.93 7.50 -15.78
N GLU B 217 20.82 8.69 -15.18
CA GLU B 217 21.22 8.93 -13.80
C GLU B 217 19.97 8.85 -12.93
N PRO B 218 20.13 8.35 -11.69
CA PRO B 218 19.06 8.26 -10.69
C PRO B 218 18.58 9.65 -10.27
N ILE B 219 17.32 9.76 -9.84
CA ILE B 219 16.81 11.02 -9.31
C ILE B 219 17.43 11.28 -7.95
N PRO B 220 17.48 12.56 -7.54
CA PRO B 220 17.79 12.82 -6.13
C PRO B 220 16.54 12.47 -5.33
N CYS B 221 16.53 11.31 -4.70
CA CYS B 221 15.33 10.85 -4.01
C CYS B 221 15.20 11.53 -2.64
N THR B 222 14.78 12.79 -2.67
CA THR B 222 14.75 13.59 -1.47
C THR B 222 13.35 14.13 -1.25
N ALA B 223 13.08 14.59 -0.04
CA ALA B 223 11.82 15.26 0.25
C ALA B 223 11.64 16.45 -0.70
N HIS B 224 12.73 17.13 -1.03
CA HIS B 224 12.65 18.29 -1.92
C HIS B 224 12.20 17.88 -3.32
N TRP B 225 12.76 16.79 -3.84
CA TRP B 225 12.33 16.29 -5.14
C TRP B 225 10.81 16.05 -5.18
N HIS B 226 10.28 15.48 -4.10
CA HIS B 226 8.88 15.03 -4.08
C HIS B 226 7.89 16.15 -3.77
N PHE B 227 8.29 17.09 -2.93
CA PHE B 227 7.34 18.07 -2.41
C PHE B 227 7.73 19.50 -2.77
N GLY B 228 9.00 19.71 -3.10
CA GLY B 228 9.50 21.05 -3.39
C GLY B 228 9.13 21.54 -4.77
ZN ZN C . -8.08 15.21 1.55
PA FAD D . 5.13 -4.85 19.43
O1A FAD D . 4.02 -5.85 19.56
O2A FAD D . 6.46 -5.53 19.13
O5B FAD D . 5.19 -4.04 20.77
C5B FAD D . 6.42 -3.64 21.34
C4B FAD D . 6.32 -3.91 22.83
O4B FAD D . 5.15 -3.33 23.42
C3B FAD D . 6.26 -5.39 23.12
O3B FAD D . 7.23 -5.74 24.05
C2B FAD D . 4.95 -5.64 23.70
O2B FAD D . 4.99 -6.63 24.66
C1B FAD D . 4.67 -4.29 24.31
N9A FAD D . 3.30 -4.11 24.72
C8A FAD D . 2.10 -4.72 24.19
N7A FAD D . 1.01 -4.24 24.91
C5A FAD D . 1.49 -3.37 25.86
C6A FAD D . 0.81 -2.69 26.76
N6A FAD D . -0.60 -2.69 26.78
N1A FAD D . 1.53 -1.85 27.61
C2A FAD D . 2.94 -2.00 27.61
N3A FAD D . 3.58 -2.57 26.48
C4A FAD D . 2.84 -3.29 25.74
N1 FAD D . 8.33 1.15 10.58
C2 FAD D . 8.44 2.51 10.09
O2 FAD D . 8.65 3.51 10.96
N3 FAD D . 8.33 2.77 8.71
C4 FAD D . 8.12 1.74 7.83
O4 FAD D . 8.00 1.98 6.50
C4X FAD D . 8.01 0.36 8.32
N5 FAD D . 7.81 -0.69 7.46
C5X FAD D . 7.70 -2.00 7.97
C6 FAD D . 7.49 -3.07 7.10
C7 FAD D . 7.38 -4.36 7.54
C7M FAD D . 7.14 -5.48 6.55
C8 FAD D . 7.48 -4.62 8.92
C8M FAD D . 7.37 -6.02 9.48
C9 FAD D . 7.70 -3.58 9.79
C9A FAD D . 7.81 -2.25 9.36
N10 FAD D . 8.03 -1.16 10.25
C10 FAD D . 8.11 0.13 9.72
C1' FAD D . 8.13 -1.32 11.72
C2' FAD D . 6.69 -1.46 12.29
O2' FAD D . 5.90 -0.39 12.01
C3' FAD D . 6.77 -1.68 13.79
O3' FAD D . 7.47 -2.83 14.02
C4' FAD D . 5.39 -1.80 14.48
O4' FAD D . 4.68 -0.58 14.31
C5' FAD D . 5.48 -2.13 15.94
O5' FAD D . 4.18 -2.36 16.46
P FAD D . 3.83 -3.73 17.10
O1P FAD D . 2.41 -3.74 17.54
O2P FAD D . 4.15 -4.84 16.19
O3P FAD D . 4.83 -3.69 18.34
CAA TE7 E . -7.58 8.78 -6.13
CAB TE7 E . -13.94 3.59 -16.03
CAC TE7 E . -12.55 5.39 -15.52
OAD TE7 E . -10.02 6.47 -11.23
CAE TE7 E . -9.04 6.75 -6.48
CAF TE7 E . -11.86 2.64 -11.54
CAG TE7 E . -12.02 1.92 -10.35
CAH TE7 E . -9.67 5.55 -6.70
CAI TE7 E . -10.94 3.12 -7.27
CAJ TE7 E . -9.23 7.24 -8.79
CAK TE7 E . -11.74 4.01 -13.87
CAL TE7 E . -13.26 4.05 -13.77
NAM TE7 E . -11.52 2.15 -7.89
NAN TE7 E . -11.16 4.53 -12.70
OAO TE7 E . -8.24 8.77 -7.36
CAP TE7 E . -8.84 7.60 -7.54
CAQ TE7 E . -11.29 3.90 -11.58
CAR TE7 E . -10.21 5.71 -10.31
CAS TE7 E . -11.55 2.48 -9.19
CAT TE7 E . -9.83 6.06 -9.01
CAU TE7 E . -10.06 5.23 -7.95
CAV TE7 E . -10.82 4.48 -10.43
CAW TE7 E . -10.99 3.72 -9.28
NAX TE7 E . -13.67 4.59 -15.03
NAY TE7 E . -10.63 4.06 -8.10
N1 IMD F . -15.49 -16.02 -13.84
C2 IMD F . -16.81 -15.73 -13.84
N3 IMD F . -17.08 -14.89 -12.83
C4 IMD F . -15.92 -14.63 -12.18
C5 IMD F . -14.92 -15.35 -12.83
CAA TE7 G . 10.90 3.57 6.31
CAB TE7 G . 12.54 -4.81 15.84
CAC TE7 G . 13.33 -2.68 16.59
OAD TE7 G . 11.77 0.10 11.25
CAE TE7 G . 11.20 1.08 6.52
CAF TE7 G . 11.32 -4.10 11.66
CAG TE7 G . 11.06 -4.82 10.47
CAH TE7 G . 11.05 -0.30 6.65
CAI TE7 G . 10.77 -3.30 7.25
CAJ TE7 G . 11.56 1.29 8.89
CAK TE7 G . 11.87 -2.62 14.09
CAL TE7 G . 13.30 -3.15 14.24
NAM TE7 G . 10.73 -4.43 7.98
NAN TE7 G . 11.74 -2.02 12.75
OAO TE7 G . 11.60 3.21 7.49
CAP TE7 G . 11.44 1.87 7.64
CAQ TE7 G . 11.49 -2.70 11.65
CAR TE7 G . 11.54 -0.64 10.29
CAS TE7 G . 10.96 -4.13 9.27
CAT TE7 G . 11.42 -0.08 9.02
CAU TE7 G . 11.16 -0.87 7.90
CAV TE7 G . 11.39 -2.02 10.44
CAW TE7 G . 11.13 -2.77 9.31
NAX TE7 G . 13.51 -3.74 15.58
NAY TE7 G . 11.01 -2.25 8.05
ZN ZN H . 14.69 8.99 -1.16
PA FAD I . -6.63 -0.96 -19.52
O1A FAD I . -6.36 -2.43 -19.50
O2A FAD I . -8.11 -0.68 -19.31
O5B FAD I . -6.17 -0.33 -20.89
C5B FAD I . -6.72 0.89 -21.35
C4B FAD I . -6.91 0.72 -22.85
O4B FAD I . -5.66 0.68 -23.53
C3B FAD I . -7.64 -0.56 -23.17
O3B FAD I . -8.71 -0.32 -24.03
C2B FAD I . -6.64 -1.44 -23.77
O2B FAD I . -7.13 -2.32 -24.74
C1B FAD I . -5.72 -0.41 -24.40
N9A FAD I . -4.44 -0.94 -24.78
C8A FAD I . -3.76 -2.10 -24.24
N7A FAD I . -2.57 -2.28 -24.91
C5A FAD I . -2.48 -1.28 -25.85
C6A FAD I . -1.50 -1.07 -26.71
N6A FAD I . -0.49 -2.02 -26.91
N1A FAD I . -1.57 0.08 -27.50
C2A FAD I . -2.82 0.77 -27.52
N3A FAD I . -3.78 0.52 -26.53
C4A FAD I . -3.58 -0.50 -25.78
N1 FAD I . -6.53 5.53 -10.54
C2 FAD I . -5.91 6.73 -10.00
O2 FAD I . -5.56 7.74 -10.81
N3 FAD I . -5.71 6.85 -8.63
C4 FAD I . -6.07 5.83 -7.78
O4 FAD I . -5.85 5.97 -6.46
C4X FAD I . -6.70 4.60 -8.31
N5 FAD I . -7.09 3.56 -7.51
C5X FAD I . -7.67 2.40 -8.06
C6 FAD I . -8.03 1.35 -7.22
C7 FAD I . -8.62 0.20 -7.74
C7M FAD I . -9.02 -0.91 -6.82
C8 FAD I . -8.83 0.09 -9.12
C8M FAD I . -9.45 -1.16 -9.69
C9 FAD I . -8.45 1.12 -9.96
C9A FAD I . -7.87 2.29 -9.46
N10 FAD I . -7.47 3.37 -10.29
C10 FAD I . -6.90 4.50 -9.71
C1' FAD I . -7.64 3.30 -11.77
C2' FAD I . -6.45 2.47 -12.33
O2' FAD I . -5.25 2.97 -11.97
C3' FAD I . -6.54 2.40 -13.84
O3' FAD I . -7.74 1.83 -14.17
C4' FAD I . -5.41 1.58 -14.52
O4' FAD I . -4.19 2.27 -14.32
C5' FAD I . -5.69 1.38 -15.96
O5' FAD I . -4.62 0.58 -16.51
P FAD I . -5.02 -0.73 -17.21
O1P FAD I . -3.79 -1.43 -17.63
O2P FAD I . -5.87 -1.59 -16.35
O3P FAD I . -5.79 -0.11 -18.46
#